data_1XQ5
#
_entry.id   1XQ5
#
_cell.length_a   57.302
_cell.length_b   84.986
_cell.length_c   121.779
_cell.angle_alpha   90.00
_cell.angle_beta   90.00
_cell.angle_gamma   90.00
#
_symmetry.space_group_name_H-M   'P 21 21 21'
#
loop_
_entity.id
_entity.type
_entity.pdbx_description
1 polymer 'Hemoglobin alpha-1 chain'
2 polymer 'Hemoglobin beta-2 chain'
3 non-polymer 'PROTOPORPHYRIN IX CONTAINING FE'
4 water water
#
loop_
_entity_poly.entity_id
_entity_poly.type
_entity_poly.pdbx_seq_one_letter_code
_entity_poly.pdbx_strand_id
1 'polypeptide(L)'
;(ACE)SLSSKDKDTVKALWGKIADKAEEIGSDALSRMLAVYPQTKTYFSHWKDLSPGSAPVNKHGKTIMGGIVDAVASID
DLNAGLLALSELHAFTLRVDPANFKILSHCILVLLAVKFPKDFTPEVHISYDKFFSALARALAEKYR
;
A,C
2 'polypeptide(L)'
;VVWTDFERATIADIFSKLDYEAVGGATLARCLIVYPWTQRYFGNFGNLYNAAAIMGNPMIAKHGTTILHGLDRAVKNMDN
IKATYAELSVLHSEKLHVDPDNFKLLSDCLTIVVAAQLGKAFSGEVQAAFQKFLSVVVSALGKQYH
;
B,D
#
# COMPACT_ATOMS: atom_id res chain seq x y z
N SER A 2 3.73 -17.55 1.00
CA SER A 2 4.68 -18.67 1.20
C SER A 2 5.26 -19.18 -0.14
N LEU A 3 6.56 -19.40 -0.14
CA LEU A 3 7.22 -19.76 -1.39
C LEU A 3 7.12 -21.25 -1.62
N SER A 4 6.89 -21.63 -2.87
CA SER A 4 6.86 -23.02 -3.27
C SER A 4 8.27 -23.57 -3.37
N SER A 5 8.41 -24.87 -3.69
CA SER A 5 9.78 -25.39 -3.80
C SER A 5 10.32 -24.87 -5.11
N LYS A 6 9.39 -24.69 -6.07
CA LYS A 6 9.68 -24.12 -7.37
C LYS A 6 10.26 -22.72 -7.23
N ASP A 7 9.60 -21.89 -6.40
CA ASP A 7 10.02 -20.52 -6.15
C ASP A 7 11.42 -20.50 -5.54
N LYS A 8 11.64 -21.34 -4.53
CA LYS A 8 12.91 -21.44 -3.82
C LYS A 8 14.08 -21.84 -4.76
N ASP A 9 13.88 -22.86 -5.58
CA ASP A 9 14.95 -23.22 -6.55
C ASP A 9 15.27 -22.11 -7.53
N THR A 10 14.22 -21.48 -8.08
CA THR A 10 14.40 -20.32 -8.97
C THR A 10 15.20 -19.23 -8.33
N VAL A 11 14.91 -18.90 -7.06
CA VAL A 11 15.60 -17.84 -6.38
C VAL A 11 17.08 -18.25 -6.15
N LYS A 12 17.26 -19.48 -5.68
CA LYS A 12 18.60 -20.02 -5.43
C LYS A 12 19.42 -20.12 -6.71
N ALA A 13 18.79 -20.50 -7.82
CA ALA A 13 19.48 -20.53 -9.11
C ALA A 13 19.85 -19.14 -9.57
N LEU A 14 18.87 -18.23 -9.57
CA LEU A 14 19.22 -16.82 -9.74
C LEU A 14 20.41 -16.36 -8.92
N TRP A 15 20.36 -16.64 -7.63
CA TRP A 15 21.43 -16.18 -6.74
C TRP A 15 22.84 -16.78 -7.08
N GLY A 16 22.91 -18.05 -7.55
CA GLY A 16 24.11 -18.59 -8.15
C GLY A 16 24.61 -17.76 -9.30
N LYS A 17 23.75 -17.58 -10.32
CA LYS A 17 24.12 -16.96 -11.60
C LYS A 17 24.69 -15.58 -11.44
N ILE A 18 24.13 -14.83 -10.50
CA ILE A 18 24.65 -13.47 -10.25
C ILE A 18 25.96 -13.43 -9.43
N ALA A 19 26.63 -14.57 -9.31
CA ALA A 19 27.89 -14.69 -8.55
C ALA A 19 28.86 -13.51 -8.63
N ASP A 20 29.49 -13.34 -9.79
CA ASP A 20 30.62 -12.43 -9.99
C ASP A 20 30.20 -11.00 -9.94
N LYS A 21 28.89 -10.82 -10.17
CA LYS A 21 28.26 -9.54 -10.37
C LYS A 21 27.60 -9.01 -9.12
N ALA A 22 27.55 -9.81 -8.05
CA ALA A 22 26.67 -9.52 -6.88
C ALA A 22 26.94 -8.21 -6.16
N GLU A 23 28.20 -7.93 -5.87
CA GLU A 23 28.58 -6.74 -5.11
C GLU A 23 28.28 -5.50 -5.95
N GLU A 24 28.62 -5.58 -7.24
CA GLU A 24 28.31 -4.50 -8.18
C GLU A 24 26.79 -4.35 -8.35
N ILE A 25 26.06 -5.46 -8.48
CA ILE A 25 24.59 -5.36 -8.46
C ILE A 25 24.04 -4.61 -7.25
N GLY A 26 24.56 -4.89 -6.06
CA GLY A 26 24.07 -4.17 -4.84
C GLY A 26 24.38 -2.68 -4.78
N SER A 27 25.59 -2.31 -5.15
CA SER A 27 26.02 -0.92 -5.31
C SER A 27 25.12 -0.14 -6.33
N ASP A 28 24.92 -0.70 -7.52
CA ASP A 28 24.03 -0.07 -8.54
C ASP A 28 22.56 -0.02 -8.12
N ALA A 29 22.03 -1.10 -7.50
CA ALA A 29 20.65 -1.09 -6.95
C ALA A 29 20.48 0.02 -5.92
N LEU A 30 21.46 0.17 -5.04
CA LEU A 30 21.42 1.23 -4.03
C LEU A 30 21.46 2.61 -4.71
N SER A 31 22.30 2.77 -5.74
CA SER A 31 22.37 4.01 -6.47
C SER A 31 21.01 4.28 -7.08
N ARG A 32 20.40 3.23 -7.64
CA ARG A 32 19.09 3.41 -8.28
C ARG A 32 18.11 3.94 -7.24
N MET A 33 18.04 3.27 -6.08
CA MET A 33 17.12 3.70 -5.03
C MET A 33 17.28 5.16 -4.67
N LEU A 34 18.51 5.59 -4.42
CA LEU A 34 18.81 6.93 -3.96
C LEU A 34 18.44 8.00 -4.98
N ALA A 35 18.64 7.68 -6.26
CA ALA A 35 18.33 8.61 -7.35
C ALA A 35 16.85 8.58 -7.74
N VAL A 36 16.27 7.38 -7.86
CA VAL A 36 14.90 7.25 -8.40
C VAL A 36 13.87 7.61 -7.32
N TYR A 37 14.23 7.28 -6.07
CA TYR A 37 13.39 7.45 -4.91
C TYR A 37 14.15 8.23 -3.81
N PRO A 38 14.30 9.56 -3.99
CA PRO A 38 15.09 10.40 -3.06
C PRO A 38 14.54 10.48 -1.61
N GLN A 39 13.28 10.09 -1.41
CA GLN A 39 12.76 9.82 -0.04
C GLN A 39 13.81 9.05 0.77
N THR A 40 14.56 8.15 0.09
CA THR A 40 15.41 7.20 0.81
C THR A 40 16.75 7.83 1.28
N LYS A 41 17.09 9.00 0.73
CA LYS A 41 18.40 9.66 1.02
C LYS A 41 18.59 10.04 2.48
N THR A 42 17.50 10.39 3.15
CA THR A 42 17.52 10.71 4.60
C THR A 42 18.21 9.66 5.49
N TYR A 43 18.10 8.38 5.14
CA TYR A 43 18.70 7.33 5.95
C TYR A 43 20.21 7.23 5.75
N PHE A 44 20.71 7.85 4.68
CA PHE A 44 22.13 7.78 4.40
C PHE A 44 22.75 9.18 4.32
N SER A 45 22.25 10.09 5.16
CA SER A 45 22.68 11.48 5.16
C SER A 45 24.17 11.54 5.47
N HIS A 46 24.61 10.61 6.32
CA HIS A 46 25.99 10.44 6.71
C HIS A 46 26.87 9.89 5.59
N TRP A 47 26.52 10.16 4.33
CA TRP A 47 27.39 9.78 3.21
C TRP A 47 27.94 11.01 2.47
N LYS A 48 28.49 10.77 1.27
CA LYS A 48 29.39 11.71 0.56
C LYS A 48 28.80 12.46 -0.66
N ASP A 49 28.27 11.85 -1.74
CA ASP A 49 28.68 10.76 -2.66
C ASP A 49 27.80 9.52 -2.83
N LEU A 50 26.58 9.76 -3.33
CA LEU A 50 25.56 8.73 -3.48
C LEU A 50 25.59 8.01 -4.84
N SER A 51 26.51 8.39 -5.72
CA SER A 51 26.62 7.72 -7.01
C SER A 51 27.06 6.26 -6.80
N PRO A 52 26.78 5.38 -7.80
CA PRO A 52 27.36 4.05 -7.65
C PRO A 52 28.86 4.18 -7.90
N GLY A 53 29.66 3.21 -7.47
CA GLY A 53 31.11 3.36 -7.63
C GLY A 53 31.78 4.21 -6.55
N SER A 54 31.02 5.11 -5.92
CA SER A 54 31.51 5.84 -4.76
C SER A 54 31.73 4.84 -3.62
N ALA A 55 32.78 5.02 -2.81
CA ALA A 55 33.16 3.94 -1.85
C ALA A 55 32.09 3.54 -0.78
N PRO A 56 31.42 4.53 -0.14
CA PRO A 56 30.37 4.15 0.83
C PRO A 56 29.24 3.29 0.22
N VAL A 57 28.79 3.68 -0.98
CA VAL A 57 27.72 2.97 -1.72
C VAL A 57 28.18 1.58 -2.13
N ASN A 58 29.45 1.52 -2.58
CA ASN A 58 30.05 0.26 -2.97
C ASN A 58 30.06 -0.73 -1.82
N LYS A 59 30.59 -0.26 -0.69
CA LYS A 59 30.71 -1.11 0.50
C LYS A 59 29.35 -1.49 1.10
N HIS A 60 28.43 -0.53 1.21
CA HIS A 60 27.10 -0.89 1.70
C HIS A 60 26.28 -1.78 0.73
N GLY A 61 26.48 -1.64 -0.58
CA GLY A 61 25.91 -2.58 -1.55
C GLY A 61 26.36 -4.02 -1.32
N LYS A 62 27.65 -4.21 -1.05
CA LYS A 62 28.18 -5.53 -0.59
C LYS A 62 27.39 -6.01 0.64
N THR A 63 27.19 -5.11 1.60
CA THR A 63 26.46 -5.45 2.81
C THR A 63 25.00 -5.89 2.56
N ILE A 64 24.27 -5.13 1.73
CA ILE A 64 22.90 -5.50 1.36
C ILE A 64 22.80 -6.86 0.69
N MET A 65 23.62 -7.09 -0.32
CA MET A 65 23.64 -8.41 -0.96
C MET A 65 23.99 -9.54 0.01
N GLY A 66 24.83 -9.23 1.02
CA GLY A 66 25.15 -10.20 2.06
C GLY A 66 23.96 -10.58 2.93
N GLY A 67 23.18 -9.57 3.34
CA GLY A 67 21.90 -9.80 3.99
C GLY A 67 20.98 -10.62 3.11
N ILE A 68 21.03 -10.43 1.80
CA ILE A 68 20.11 -11.22 0.96
C ILE A 68 20.63 -12.62 0.73
N VAL A 69 21.95 -12.80 0.62
CA VAL A 69 22.46 -14.17 0.54
C VAL A 69 22.14 -14.94 1.86
N ASP A 70 22.15 -14.24 2.99
CA ASP A 70 21.61 -14.70 4.30
C ASP A 70 20.15 -15.16 4.18
N ALA A 71 19.31 -14.30 3.62
CA ALA A 71 17.91 -14.65 3.34
C ALA A 71 17.83 -15.90 2.46
N VAL A 72 18.61 -15.95 1.41
CA VAL A 72 18.62 -17.17 0.57
C VAL A 72 18.96 -18.44 1.37
N ALA A 73 20.00 -18.39 2.21
CA ALA A 73 20.38 -19.57 3.05
C ALA A 73 19.32 -19.95 4.07
N SER A 74 18.50 -18.96 4.48
CA SER A 74 17.40 -19.15 5.44
C SER A 74 16.03 -19.06 4.76
N ILE A 75 15.97 -19.31 3.44
CA ILE A 75 14.72 -19.14 2.69
C ILE A 75 13.57 -19.97 3.25
N ASP A 76 13.89 -21.02 4.00
CA ASP A 76 12.86 -21.90 4.53
C ASP A 76 12.05 -21.25 5.68
N ASP A 77 12.69 -20.33 6.40
CA ASP A 77 12.06 -19.59 7.50
C ASP A 77 12.75 -18.25 7.59
N LEU A 78 12.23 -17.29 6.86
CA LEU A 78 12.84 -16.02 6.74
C LEU A 78 12.63 -15.19 7.99
N ASN A 79 11.48 -15.37 8.63
CA ASN A 79 11.21 -14.68 9.94
C ASN A 79 12.32 -14.91 10.95
N ALA A 80 12.64 -16.18 11.21
CA ALA A 80 13.77 -16.51 12.11
C ALA A 80 15.13 -16.03 11.62
N GLY A 81 15.41 -16.18 10.33
CA GLY A 81 16.77 -15.96 9.83
C GLY A 81 17.17 -14.50 9.79
N LEU A 82 16.17 -13.62 9.63
CA LEU A 82 16.39 -12.17 9.52
C LEU A 82 15.97 -11.40 10.78
N LEU A 83 15.82 -12.08 11.91
CA LEU A 83 15.41 -11.40 13.17
C LEU A 83 16.37 -10.27 13.56
N ALA A 84 17.68 -10.51 13.45
CA ALA A 84 18.67 -9.50 13.90
C ALA A 84 18.53 -8.28 13.02
N LEU A 85 18.46 -8.49 11.72
CA LEU A 85 18.30 -7.40 10.75
C LEU A 85 16.95 -6.72 10.89
N SER A 86 15.91 -7.46 11.21
CA SER A 86 14.62 -6.81 11.51
C SER A 86 14.75 -5.82 12.68
N GLU A 87 15.27 -6.32 13.80
CA GLU A 87 15.48 -5.49 15.00
C GLU A 87 16.30 -4.26 14.67
N LEU A 88 17.35 -4.39 13.86
CA LEU A 88 18.25 -3.26 13.58
C LEU A 88 17.53 -2.23 12.73
N HIS A 89 16.76 -2.71 11.75
CA HIS A 89 16.05 -1.80 10.88
C HIS A 89 14.85 -1.16 11.60
N ALA A 90 14.40 -1.81 12.66
CA ALA A 90 13.33 -1.24 13.51
C ALA A 90 13.86 -0.22 14.50
N PHE A 91 14.81 -0.64 15.33
CA PHE A 91 15.15 0.14 16.49
C PHE A 91 16.40 0.98 16.35
N THR A 92 17.44 0.49 15.67
CA THR A 92 18.73 1.19 15.59
C THR A 92 18.70 2.29 14.53
N LEU A 93 18.11 1.96 13.39
CA LEU A 93 18.12 2.81 12.21
C LEU A 93 16.78 3.47 12.03
N ARG A 94 15.76 2.82 12.61
CA ARG A 94 14.35 3.10 12.37
C ARG A 94 14.02 3.45 10.92
N VAL A 95 13.85 2.39 10.12
CA VAL A 95 13.56 2.49 8.68
C VAL A 95 12.09 2.28 8.46
N ASP A 96 11.46 3.20 7.76
CA ASP A 96 10.08 3.02 7.32
C ASP A 96 9.95 1.75 6.46
N PRO A 97 9.20 0.75 6.97
CA PRO A 97 8.90 -0.48 6.22
C PRO A 97 8.41 -0.22 4.80
N ALA A 98 7.67 0.85 4.64
CA ALA A 98 7.40 1.40 3.28
C ALA A 98 8.56 1.26 2.29
N ASN A 99 9.80 1.41 2.76
CA ASN A 99 10.97 1.46 1.89
C ASN A 99 11.57 0.13 1.46
N PHE A 100 11.25 -0.97 2.17
CA PHE A 100 11.78 -2.30 1.77
C PHE A 100 11.36 -2.67 0.35
N LYS A 101 10.11 -2.37 -0.03
CA LYS A 101 9.69 -2.64 -1.38
C LYS A 101 10.42 -1.79 -2.41
N ILE A 102 10.73 -0.56 -2.07
CA ILE A 102 11.48 0.26 -3.03
C ILE A 102 12.83 -0.40 -3.35
N LEU A 103 13.58 -0.77 -2.31
CA LEU A 103 14.87 -1.44 -2.53
C LEU A 103 14.73 -2.68 -3.37
N SER A 104 13.72 -3.48 -3.07
CA SER A 104 13.52 -4.73 -3.77
C SER A 104 13.27 -4.48 -5.25
N HIS A 105 12.42 -3.49 -5.52
CA HIS A 105 12.11 -3.11 -6.91
C HIS A 105 13.41 -2.73 -7.61
N CYS A 106 14.23 -1.89 -6.97
CA CYS A 106 15.46 -1.44 -7.59
C CYS A 106 16.47 -2.55 -7.83
N ILE A 107 16.54 -3.53 -6.92
CA ILE A 107 17.34 -4.77 -7.13
C ILE A 107 16.83 -5.54 -8.34
N LEU A 108 15.51 -5.71 -8.42
CA LEU A 108 14.93 -6.41 -9.60
C LEU A 108 15.18 -5.68 -10.89
N VAL A 109 15.01 -4.35 -10.89
CA VAL A 109 15.36 -3.56 -12.10
C VAL A 109 16.83 -3.74 -12.47
N LEU A 110 17.71 -3.64 -11.47
CA LEU A 110 19.13 -3.71 -11.78
C LEU A 110 19.41 -5.09 -12.41
N LEU A 111 18.87 -6.13 -11.80
CA LEU A 111 19.05 -7.49 -12.32
C LEU A 111 18.58 -7.63 -13.74
N ALA A 112 17.41 -7.05 -14.08
CA ALA A 112 16.85 -7.20 -15.40
C ALA A 112 17.67 -6.55 -16.49
N VAL A 113 18.44 -5.50 -16.18
CA VAL A 113 19.31 -4.84 -17.17
C VAL A 113 20.53 -5.71 -17.45
N LYS A 114 20.89 -6.54 -16.47
CA LYS A 114 22.10 -7.40 -16.59
C LYS A 114 21.76 -8.85 -17.01
N PHE A 115 20.64 -9.37 -16.55
CA PHE A 115 20.28 -10.77 -16.79
C PHE A 115 18.89 -10.90 -17.36
N PRO A 116 18.60 -10.19 -18.48
CA PRO A 116 17.22 -10.11 -18.91
C PRO A 116 16.62 -11.47 -19.23
N LYS A 117 17.41 -12.41 -19.75
CA LYS A 117 16.87 -13.72 -20.12
C LYS A 117 16.32 -14.47 -18.90
N ASP A 118 16.73 -14.08 -17.71
CA ASP A 118 16.23 -14.73 -16.51
C ASP A 118 14.88 -14.19 -16.05
N PHE A 119 14.39 -13.13 -16.70
CA PHE A 119 13.15 -12.52 -16.24
C PHE A 119 12.02 -12.99 -17.13
N THR A 120 11.72 -14.29 -17.07
CA THR A 120 10.51 -14.78 -17.73
C THR A 120 9.42 -14.35 -16.73
N PRO A 121 8.15 -14.21 -17.15
CA PRO A 121 7.13 -13.87 -16.16
C PRO A 121 7.09 -14.82 -14.97
N GLU A 122 7.28 -16.13 -15.21
CA GLU A 122 7.21 -17.09 -14.11
C GLU A 122 8.35 -16.99 -13.07
N VAL A 123 9.57 -16.74 -13.54
CA VAL A 123 10.71 -16.45 -12.71
C VAL A 123 10.55 -15.16 -11.94
N HIS A 124 10.18 -14.08 -12.64
CA HIS A 124 9.93 -12.74 -11.98
C HIS A 124 8.89 -12.96 -10.85
N ILE A 125 7.83 -13.71 -11.13
CA ILE A 125 6.88 -14.07 -10.09
C ILE A 125 7.58 -14.74 -8.83
N SER A 126 8.51 -15.67 -9.02
CA SER A 126 9.24 -16.30 -7.87
C SER A 126 10.07 -15.26 -7.17
N TYR A 127 10.76 -14.40 -7.93
CA TYR A 127 11.65 -13.39 -7.34
C TYR A 127 10.81 -12.40 -6.52
N ASP A 128 9.64 -11.98 -7.06
CA ASP A 128 8.77 -11.02 -6.37
C ASP A 128 8.27 -11.62 -5.06
N LYS A 129 7.91 -12.91 -5.07
CA LYS A 129 7.37 -13.54 -3.88
C LYS A 129 8.47 -13.61 -2.80
N PHE A 130 9.68 -13.94 -3.22
CA PHE A 130 10.82 -13.93 -2.33
C PHE A 130 11.07 -12.56 -1.73
N PHE A 131 11.16 -11.52 -2.56
CA PHE A 131 11.42 -10.19 -2.02
C PHE A 131 10.26 -9.69 -1.14
N SER A 132 9.04 -10.12 -1.41
CA SER A 132 7.91 -9.70 -0.56
C SER A 132 8.05 -10.39 0.79
N ALA A 133 8.44 -11.69 0.77
CA ALA A 133 8.67 -12.45 2.02
C ALA A 133 9.84 -11.90 2.84
N LEU A 134 10.88 -11.47 2.13
CA LEU A 134 11.97 -10.73 2.66
C LEU A 134 11.54 -9.50 3.43
N ALA A 135 10.75 -8.66 2.78
CA ALA A 135 10.37 -7.36 3.35
C ALA A 135 9.60 -7.69 4.58
N ARG A 136 8.66 -8.62 4.47
CA ARG A 136 7.80 -8.96 5.57
C ARG A 136 8.63 -9.49 6.76
N ALA A 137 9.66 -10.29 6.47
CA ALA A 137 10.57 -10.78 7.51
C ALA A 137 11.29 -9.64 8.20
N LEU A 138 11.69 -8.64 7.45
CA LEU A 138 12.40 -7.51 8.03
C LEU A 138 11.41 -6.62 8.77
N ALA A 139 10.13 -6.69 8.42
CA ALA A 139 9.09 -5.89 9.13
C ALA A 139 8.60 -6.55 10.43
N GLU A 140 9.04 -7.76 10.70
CA GLU A 140 8.50 -8.52 11.84
C GLU A 140 8.66 -7.88 13.19
N LYS A 141 9.77 -7.18 13.42
CA LYS A 141 10.03 -6.68 14.76
C LYS A 141 9.63 -5.23 14.98
N TYR A 142 8.80 -4.67 14.09
CA TYR A 142 8.37 -3.27 14.24
C TYR A 142 7.35 -3.07 15.36
N ARG A 143 6.53 -4.09 15.56
CA ARG A 143 5.46 -4.03 16.55
C ARG A 143 4.98 -5.45 16.88
N VAL B 1 3.54 19.47 -13.00
CA VAL B 1 4.93 18.92 -12.97
C VAL B 1 5.86 19.87 -13.75
N VAL B 2 7.11 20.02 -13.31
CA VAL B 2 8.11 20.71 -14.15
C VAL B 2 9.14 19.70 -14.60
N TRP B 3 9.29 19.56 -15.91
CA TRP B 3 10.22 18.57 -16.49
C TRP B 3 11.50 19.27 -16.89
N THR B 4 12.63 18.66 -16.55
CA THR B 4 13.90 19.11 -17.08
C THR B 4 13.96 18.71 -18.52
N ASP B 5 14.94 19.26 -19.24
CA ASP B 5 15.18 18.88 -20.61
C ASP B 5 15.57 17.39 -20.77
N PHE B 6 16.47 16.90 -19.92
CA PHE B 6 16.93 15.51 -19.96
C PHE B 6 15.73 14.58 -19.75
N GLU B 7 14.86 14.94 -18.82
CA GLU B 7 13.62 14.14 -18.58
C GLU B 7 12.69 14.04 -19.79
N ARG B 8 12.39 15.16 -20.46
CA ARG B 8 11.56 15.14 -21.70
C ARG B 8 12.16 14.31 -22.81
N ALA B 9 13.45 14.52 -23.02
CA ALA B 9 14.20 13.81 -24.02
C ALA B 9 14.20 12.33 -23.73
N THR B 10 14.49 11.99 -22.48
CA THR B 10 14.62 10.62 -22.03
C THR B 10 13.30 9.88 -22.23
N ILE B 11 12.20 10.48 -21.80
CA ILE B 11 10.85 9.85 -21.94
C ILE B 11 10.47 9.66 -23.39
N ALA B 12 10.67 10.71 -24.19
CA ALA B 12 10.35 10.63 -25.59
C ALA B 12 11.19 9.55 -26.24
N ASP B 13 12.47 9.47 -25.83
CA ASP B 13 13.45 8.51 -26.37
C ASP B 13 13.13 7.08 -26.02
N ILE B 14 12.72 6.88 -24.78
CA ILE B 14 12.22 5.55 -24.40
C ILE B 14 11.05 5.15 -25.28
N PHE B 15 9.99 5.96 -25.37
CA PHE B 15 8.83 5.53 -26.11
C PHE B 15 9.14 5.31 -27.61
N SER B 16 10.06 6.11 -28.14
CA SER B 16 10.55 5.94 -29.51
C SER B 16 11.19 4.55 -29.74
N LYS B 17 11.71 3.89 -28.68
CA LYS B 17 12.35 2.56 -28.79
C LYS B 17 11.40 1.35 -28.55
N LEU B 18 10.23 1.59 -27.94
CA LEU B 18 9.29 0.52 -27.62
C LEU B 18 8.31 0.23 -28.75
N ASP B 19 8.21 -1.06 -29.14
CA ASP B 19 7.17 -1.54 -30.06
C ASP B 19 5.98 -1.61 -29.11
N TYR B 20 4.93 -0.82 -29.34
CA TYR B 20 3.83 -0.70 -28.36
C TYR B 20 3.12 -2.02 -28.20
N GLU B 21 2.96 -2.71 -29.31
CA GLU B 21 2.28 -4.00 -29.29
C GLU B 21 3.04 -5.04 -28.50
N ALA B 22 4.30 -5.26 -28.85
CA ALA B 22 5.12 -6.23 -28.11
C ALA B 22 5.30 -5.87 -26.63
N VAL B 23 5.66 -4.64 -26.34
CA VAL B 23 5.90 -4.21 -24.94
C VAL B 23 4.60 -4.21 -24.16
N GLY B 24 3.53 -3.72 -24.78
CA GLY B 24 2.21 -3.67 -24.07
C GLY B 24 1.74 -5.06 -23.67
N GLY B 25 1.89 -5.98 -24.63
CA GLY B 25 1.30 -7.31 -24.52
C GLY B 25 2.11 -7.99 -23.46
N ALA B 26 3.42 -7.72 -23.48
CA ALA B 26 4.32 -8.33 -22.51
C ALA B 26 4.11 -7.77 -21.09
N THR B 27 3.93 -6.45 -21.00
CA THR B 27 3.67 -5.76 -19.72
C THR B 27 2.40 -6.32 -19.07
N LEU B 28 1.30 -6.35 -19.82
CA LEU B 28 0.01 -6.78 -19.25
C LEU B 28 0.08 -8.25 -18.90
N ALA B 29 0.70 -9.07 -19.73
CA ALA B 29 0.85 -10.49 -19.43
C ALA B 29 1.62 -10.67 -18.10
N ARG B 30 2.71 -9.95 -17.96
CA ARG B 30 3.55 -10.05 -16.78
C ARG B 30 2.77 -9.64 -15.55
N CYS B 31 2.04 -8.53 -15.62
CA CYS B 31 1.19 -8.10 -14.49
C CYS B 31 0.19 -9.18 -14.11
N LEU B 32 -0.50 -9.74 -15.09
CA LEU B 32 -1.49 -10.84 -14.82
C LEU B 32 -0.92 -12.16 -14.26
N ILE B 33 0.37 -12.40 -14.45
CA ILE B 33 1.07 -13.59 -14.03
C ILE B 33 1.68 -13.34 -12.66
N VAL B 34 2.34 -12.19 -12.50
CA VAL B 34 3.04 -11.89 -11.25
C VAL B 34 2.08 -11.44 -10.14
N TYR B 35 0.98 -10.81 -10.56
CA TYR B 35 -0.04 -10.30 -9.60
C TYR B 35 -1.41 -10.77 -10.07
N PRO B 36 -1.63 -12.10 -9.93
CA PRO B 36 -2.75 -12.77 -10.63
C PRO B 36 -4.15 -12.23 -10.26
N TRP B 37 -4.30 -11.55 -9.13
CA TRP B 37 -5.62 -10.98 -8.73
C TRP B 37 -6.08 -9.86 -9.63
N THR B 38 -5.16 -9.40 -10.46
CA THR B 38 -5.37 -8.26 -11.31
C THR B 38 -6.20 -8.81 -12.47
N GLN B 39 -6.14 -10.13 -12.66
CA GLN B 39 -6.96 -10.80 -13.68
C GLN B 39 -8.44 -10.47 -13.56
N ARG B 40 -8.93 -10.25 -12.34
CA ARG B 40 -10.38 -10.11 -12.11
C ARG B 40 -10.98 -8.92 -12.87
N TYR B 41 -10.17 -7.88 -13.07
CA TYR B 41 -10.63 -6.70 -13.77
C TYR B 41 -10.87 -6.97 -15.26
N PHE B 42 -10.26 -8.02 -15.78
CA PHE B 42 -10.42 -8.39 -17.20
C PHE B 42 -11.16 -9.72 -17.33
N GLY B 43 -12.26 -9.86 -16.59
CA GLY B 43 -13.02 -11.11 -16.54
C GLY B 43 -13.41 -11.67 -17.91
N ASN B 44 -13.56 -10.76 -18.88
CA ASN B 44 -13.99 -11.10 -20.25
C ASN B 44 -12.83 -11.07 -21.28
N PHE B 45 -11.79 -11.88 -21.02
CA PHE B 45 -10.59 -11.98 -21.86
C PHE B 45 -10.38 -13.39 -22.44
N GLY B 46 -10.43 -14.39 -21.56
CA GLY B 46 -10.30 -15.78 -21.98
C GLY B 46 -9.86 -16.69 -20.84
N ASN B 47 -8.65 -17.22 -20.96
CA ASN B 47 -8.10 -18.18 -20.00
C ASN B 47 -7.56 -17.60 -18.70
N LEU B 48 -8.21 -17.96 -17.60
CA LEU B 48 -7.71 -17.65 -16.26
C LEU B 48 -6.75 -18.77 -15.80
N TYR B 49 -6.31 -19.59 -16.77
CA TYR B 49 -5.49 -20.77 -16.52
C TYR B 49 -4.00 -20.45 -16.52
N ASN B 50 -3.20 -21.37 -17.08
CA ASN B 50 -1.74 -21.28 -17.01
C ASN B 50 -1.16 -19.94 -17.51
N ALA B 51 0.11 -19.71 -17.20
CA ALA B 51 0.83 -18.58 -17.76
C ALA B 51 0.88 -18.68 -19.29
N ALA B 52 0.86 -19.90 -19.83
CA ALA B 52 0.88 -20.09 -21.30
C ALA B 52 -0.44 -19.61 -21.96
N ALA B 53 -1.55 -19.72 -21.25
CA ALA B 53 -2.84 -19.21 -21.75
C ALA B 53 -2.86 -17.68 -21.78
N ILE B 54 -2.24 -17.09 -20.77
CA ILE B 54 -2.11 -15.63 -20.64
C ILE B 54 -1.20 -15.11 -21.73
N MET B 55 -0.05 -15.75 -21.90
CA MET B 55 0.94 -15.42 -22.93
C MET B 55 0.42 -15.48 -24.36
N GLY B 56 -0.47 -16.42 -24.67
CA GLY B 56 -0.99 -16.56 -26.03
C GLY B 56 -2.31 -15.82 -26.25
N ASN B 57 -2.81 -15.19 -25.20
CA ASN B 57 -4.14 -14.59 -25.26
C ASN B 57 -4.18 -13.38 -26.18
N PRO B 58 -5.01 -13.45 -27.25
CA PRO B 58 -5.01 -12.35 -28.18
C PRO B 58 -5.66 -11.09 -27.60
N MET B 59 -6.67 -11.28 -26.76
CA MET B 59 -7.36 -10.15 -26.12
C MET B 59 -6.41 -9.42 -25.16
N ILE B 60 -5.61 -10.20 -24.45
CA ILE B 60 -4.59 -9.65 -23.54
C ILE B 60 -3.57 -8.85 -24.33
N ALA B 61 -3.06 -9.44 -25.41
CA ALA B 61 -2.20 -8.77 -26.39
C ALA B 61 -2.76 -7.40 -26.79
N LYS B 62 -3.98 -7.42 -27.30
CA LYS B 62 -4.73 -6.22 -27.72
C LYS B 62 -4.84 -5.11 -26.62
N HIS B 63 -5.26 -5.51 -25.43
CA HIS B 63 -5.43 -4.54 -24.38
C HIS B 63 -4.09 -4.00 -23.91
N GLY B 64 -3.08 -4.86 -23.86
CA GLY B 64 -1.70 -4.45 -23.61
C GLY B 64 -1.28 -3.35 -24.60
N THR B 65 -1.63 -3.53 -25.89
CA THR B 65 -1.33 -2.51 -26.90
C THR B 65 -2.02 -1.16 -26.58
N THR B 66 -3.26 -1.24 -26.12
CA THR B 66 -4.08 -0.07 -25.80
C THR B 66 -3.44 0.75 -24.63
N ILE B 67 -2.95 0.04 -23.64
CA ILE B 67 -2.29 0.66 -22.50
C ILE B 67 -1.13 1.51 -23.01
N LEU B 68 -0.29 0.94 -23.88
CA LEU B 68 0.83 1.66 -24.43
C LEU B 68 0.44 2.85 -25.26
N HIS B 69 -0.59 2.74 -26.06
CA HIS B 69 -1.09 3.90 -26.76
C HIS B 69 -1.62 4.97 -25.80
N GLY B 70 -2.22 4.52 -24.72
CA GLY B 70 -2.67 5.41 -23.66
C GLY B 70 -1.52 6.24 -23.09
N LEU B 71 -0.41 5.56 -22.81
CA LEU B 71 0.81 6.22 -22.32
C LEU B 71 1.38 7.17 -23.34
N ASP B 72 1.30 6.82 -24.62
CA ASP B 72 1.75 7.73 -25.65
C ASP B 72 0.98 9.09 -25.55
N ARG B 73 -0.31 9.06 -25.25
CA ARG B 73 -1.06 10.31 -25.12
C ARG B 73 -0.52 11.23 -24.04
N ALA B 74 0.03 10.68 -22.95
CA ALA B 74 0.71 11.49 -21.95
C ALA B 74 2.07 11.97 -22.44
N VAL B 75 2.83 11.13 -23.19
CA VAL B 75 4.15 11.52 -23.85
C VAL B 75 3.96 12.66 -24.84
N LYS B 76 2.81 12.70 -25.47
CA LYS B 76 2.47 13.79 -26.40
C LYS B 76 1.81 15.01 -25.77
N ASN B 77 1.56 14.94 -24.47
CA ASN B 77 0.85 15.97 -23.66
C ASN B 77 1.55 16.17 -22.32
N MET B 78 2.86 16.20 -22.33
CA MET B 78 3.60 16.08 -21.05
C MET B 78 3.29 17.13 -19.98
N ASP B 79 2.84 18.28 -20.44
CA ASP B 79 2.56 19.42 -19.56
C ASP B 79 1.06 19.54 -19.31
N ASN B 80 0.28 18.52 -19.72
CA ASN B 80 -1.14 18.54 -19.47
C ASN B 80 -1.72 17.15 -19.29
N ILE B 81 -1.03 16.33 -18.49
CA ILE B 81 -1.40 14.91 -18.37
C ILE B 81 -2.73 14.75 -17.63
N LYS B 82 -2.94 15.46 -16.53
CA LYS B 82 -4.16 15.27 -15.75
C LYS B 82 -5.39 15.46 -16.66
N ALA B 83 -5.40 16.55 -17.43
CA ALA B 83 -6.56 16.90 -18.23
C ALA B 83 -6.76 15.85 -19.32
N THR B 84 -5.66 15.42 -19.92
CA THR B 84 -5.65 14.39 -20.98
C THR B 84 -6.27 13.06 -20.51
N TYR B 85 -5.96 12.70 -19.28
CA TYR B 85 -6.43 11.48 -18.67
C TYR B 85 -7.74 11.62 -17.90
N ALA B 86 -8.39 12.77 -17.98
CA ALA B 86 -9.67 13.00 -17.25
C ALA B 86 -10.71 11.88 -17.43
N GLU B 87 -10.99 11.47 -18.67
CA GLU B 87 -12.01 10.43 -18.91
C GLU B 87 -11.46 9.08 -18.55
N LEU B 88 -10.14 8.91 -18.73
CA LEU B 88 -9.47 7.67 -18.32
C LEU B 88 -9.58 7.49 -16.80
N SER B 89 -9.36 8.55 -16.05
CA SER B 89 -9.51 8.50 -14.60
C SER B 89 -10.94 8.12 -14.22
N VAL B 90 -11.93 8.75 -14.82
CA VAL B 90 -13.30 8.37 -14.52
C VAL B 90 -13.58 6.89 -14.77
N LEU B 91 -13.15 6.42 -15.94
CA LEU B 91 -13.35 5.07 -16.41
C LEU B 91 -12.79 4.10 -15.35
N HIS B 92 -11.54 4.31 -14.95
CA HIS B 92 -10.84 3.31 -14.07
C HIS B 92 -11.21 3.42 -12.60
N SER B 93 -11.77 4.56 -12.19
CA SER B 93 -12.21 4.78 -10.79
C SER B 93 -13.66 4.51 -10.75
N GLU B 94 -14.43 5.50 -11.21
CA GLU B 94 -15.86 5.51 -11.08
C GLU B 94 -16.49 4.30 -11.72
N LYS B 95 -16.00 3.87 -12.89
CA LYS B 95 -16.65 2.79 -13.59
C LYS B 95 -16.12 1.39 -13.27
N LEU B 96 -14.81 1.20 -13.42
CA LEU B 96 -14.21 -0.12 -13.27
C LEU B 96 -13.80 -0.39 -11.82
N HIS B 97 -13.62 0.67 -11.03
CA HIS B 97 -13.22 0.55 -9.64
C HIS B 97 -11.95 -0.28 -9.44
N VAL B 98 -10.95 0.08 -10.22
CA VAL B 98 -9.64 -0.49 -10.07
C VAL B 98 -8.99 0.12 -8.86
N ASP B 99 -8.67 -0.71 -7.85
CA ASP B 99 -7.89 -0.24 -6.73
C ASP B 99 -6.61 0.36 -7.26
N PRO B 100 -6.27 1.58 -6.80
CA PRO B 100 -5.10 2.25 -7.35
C PRO B 100 -3.70 1.61 -7.12
N ASP B 101 -3.59 0.65 -6.20
CA ASP B 101 -2.36 -0.11 -6.00
C ASP B 101 -2.04 -0.81 -7.31
N ASN B 102 -3.06 -1.13 -8.10
CA ASN B 102 -2.87 -1.89 -9.33
C ASN B 102 -2.19 -1.05 -10.38
N PHE B 103 -2.40 0.26 -10.32
CA PHE B 103 -1.71 1.13 -11.27
C PHE B 103 -0.21 1.05 -11.04
N LYS B 104 0.20 0.94 -9.77
CA LYS B 104 1.62 0.90 -9.46
C LYS B 104 2.19 -0.46 -9.81
N LEU B 105 1.44 -1.53 -9.57
CA LEU B 105 1.82 -2.87 -9.94
C LEU B 105 2.07 -2.91 -11.42
N LEU B 106 1.11 -2.47 -12.22
CA LEU B 106 1.30 -2.45 -13.66
C LEU B 106 2.49 -1.63 -14.08
N SER B 107 2.64 -0.41 -13.57
CA SER B 107 3.81 0.44 -13.86
C SER B 107 5.18 -0.20 -13.50
N ASP B 108 5.26 -0.88 -12.36
CA ASP B 108 6.46 -1.63 -12.02
C ASP B 108 6.77 -2.75 -13.04
N CYS B 109 5.73 -3.44 -13.53
CA CYS B 109 5.91 -4.49 -14.54
C CYS B 109 6.43 -3.84 -15.81
N LEU B 110 5.87 -2.69 -16.18
CA LEU B 110 6.32 -2.05 -17.42
C LEU B 110 7.81 -1.64 -17.25
N THR B 111 8.12 -1.10 -16.07
CA THR B 111 9.51 -0.69 -15.73
C THR B 111 10.47 -1.87 -15.90
N ILE B 112 10.07 -3.05 -15.45
CA ILE B 112 10.92 -4.26 -15.62
C ILE B 112 11.02 -4.76 -17.08
N VAL B 113 9.95 -4.73 -17.86
CA VAL B 113 9.96 -5.00 -19.26
C VAL B 113 10.86 -4.03 -20.00
N VAL B 114 10.81 -2.75 -19.64
CA VAL B 114 11.67 -1.76 -20.37
C VAL B 114 13.14 -1.93 -19.97
N ALA B 115 13.40 -2.18 -18.67
CA ALA B 115 14.76 -2.40 -18.18
C ALA B 115 15.38 -3.57 -18.90
N ALA B 116 14.62 -4.66 -19.04
CA ALA B 116 15.06 -5.89 -19.77
C ALA B 116 15.42 -5.56 -21.21
N GLN B 117 14.53 -4.82 -21.87
CA GLN B 117 14.74 -4.45 -23.26
C GLN B 117 15.95 -3.50 -23.45
N LEU B 118 15.97 -2.39 -22.71
CA LEU B 118 17.01 -1.40 -22.90
C LEU B 118 18.41 -1.72 -22.32
N GLY B 119 18.46 -2.46 -21.24
CA GLY B 119 19.73 -2.93 -20.68
C GLY B 119 20.54 -1.81 -20.06
N LYS B 120 21.84 -1.73 -20.40
CA LYS B 120 22.71 -0.77 -19.73
C LYS B 120 22.31 0.68 -20.04
N ALA B 121 21.54 0.89 -21.11
CA ALA B 121 20.99 2.18 -21.44
C ALA B 121 20.01 2.68 -20.37
N PHE B 122 19.40 1.73 -19.66
CA PHE B 122 18.39 2.08 -18.64
C PHE B 122 19.12 2.31 -17.33
N SER B 123 19.85 3.42 -17.25
CA SER B 123 20.61 3.76 -16.06
C SER B 123 19.70 4.24 -14.93
N GLY B 124 20.31 4.51 -13.77
CA GLY B 124 19.59 5.06 -12.64
C GLY B 124 18.95 6.39 -13.01
N GLU B 125 19.69 7.24 -13.73
CA GLU B 125 19.14 8.53 -14.20
C GLU B 125 17.96 8.36 -15.12
N VAL B 126 18.07 7.42 -16.06
CA VAL B 126 17.01 7.15 -17.04
C VAL B 126 15.79 6.58 -16.29
N GLN B 127 16.04 5.67 -15.36
CA GLN B 127 14.94 5.10 -14.51
C GLN B 127 14.28 6.18 -13.67
N ALA B 128 15.07 7.14 -13.18
CA ALA B 128 14.47 8.22 -12.39
C ALA B 128 13.48 9.00 -13.24
N ALA B 129 13.84 9.29 -14.49
CA ALA B 129 12.96 10.08 -15.34
C ALA B 129 11.69 9.29 -15.67
N PHE B 130 11.88 7.98 -15.91
CA PHE B 130 10.76 7.11 -16.34
C PHE B 130 9.82 6.99 -15.16
N GLN B 131 10.37 6.78 -13.95
CA GLN B 131 9.55 6.69 -12.72
C GLN B 131 8.79 7.99 -12.40
N LYS B 132 9.42 9.14 -12.63
CA LYS B 132 8.74 10.39 -12.44
C LYS B 132 7.56 10.50 -13.40
N PHE B 133 7.78 10.16 -14.68
CA PHE B 133 6.69 10.10 -15.69
C PHE B 133 5.57 9.19 -15.22
N LEU B 134 5.92 7.95 -14.89
CA LEU B 134 4.90 7.03 -14.39
C LEU B 134 4.20 7.46 -13.13
N SER B 135 4.88 8.17 -12.22
CA SER B 135 4.21 8.73 -11.03
C SER B 135 3.12 9.73 -11.41
N VAL B 136 3.43 10.57 -12.39
CA VAL B 136 2.52 11.63 -12.84
C VAL B 136 1.32 10.98 -13.51
N VAL B 137 1.59 10.00 -14.36
CA VAL B 137 0.52 9.23 -15.04
C VAL B 137 -0.36 8.47 -14.05
N VAL B 138 0.24 7.78 -13.07
CA VAL B 138 -0.55 7.04 -12.04
C VAL B 138 -1.42 7.98 -11.17
N SER B 139 -0.92 9.19 -10.89
CA SER B 139 -1.66 10.16 -10.08
C SER B 139 -2.83 10.64 -10.91
N ALA B 140 -2.57 10.95 -12.19
CA ALA B 140 -3.65 11.31 -13.12
C ALA B 140 -4.71 10.19 -13.35
N LEU B 141 -4.34 8.92 -13.24
CA LEU B 141 -5.33 7.82 -13.44
C LEU B 141 -6.26 7.29 -12.31
N GLY B 142 -5.96 7.23 -11.02
CA GLY B 142 -5.95 8.28 -10.08
C GLY B 142 -7.40 8.70 -9.90
N LYS B 143 -8.17 8.22 -8.91
CA LYS B 143 -9.38 8.99 -8.62
C LYS B 143 -9.03 10.45 -8.31
N GLN B 144 -9.73 11.37 -8.97
CA GLN B 144 -9.36 12.78 -8.94
C GLN B 144 -10.26 13.49 -7.92
N TYR B 145 -9.65 14.22 -6.99
CA TYR B 145 -10.40 14.92 -5.98
C TYR B 145 -10.25 16.41 -6.14
N HIS B 146 -9.47 16.84 -7.11
CA HIS B 146 -9.20 18.24 -7.34
C HIS B 146 -9.08 18.53 -8.85
N SER C 2 3.91 -11.00 13.60
CA SER C 2 3.47 -12.04 14.50
C SER C 2 2.86 -11.49 15.81
N LEU C 3 1.79 -12.13 16.22
CA LEU C 3 1.08 -11.69 17.41
C LEU C 3 1.77 -12.25 18.63
N SER C 4 1.91 -11.41 19.64
CA SER C 4 2.48 -11.82 20.89
C SER C 4 1.37 -12.54 21.67
N SER C 5 1.74 -13.20 22.75
CA SER C 5 0.70 -13.82 23.55
C SER C 5 -0.18 -12.75 24.23
N LYS C 6 0.36 -11.55 24.51
CA LYS C 6 -0.52 -10.44 24.98
C LYS C 6 -1.49 -9.94 23.87
N ASP C 7 -1.05 -9.91 22.61
CA ASP C 7 -1.99 -9.60 21.49
C ASP C 7 -3.11 -10.65 21.44
N LYS C 8 -2.76 -11.94 21.53
CA LYS C 8 -3.73 -13.03 21.44
C LYS C 8 -4.76 -12.98 22.57
N ASP C 9 -4.27 -12.66 23.76
CA ASP C 9 -5.16 -12.63 24.89
C ASP C 9 -6.15 -11.42 24.76
N THR C 10 -5.67 -10.28 24.29
CA THR C 10 -6.53 -9.12 24.04
C THR C 10 -7.58 -9.40 22.99
N VAL C 11 -7.21 -10.11 21.94
CA VAL C 11 -8.12 -10.43 20.83
C VAL C 11 -9.19 -11.38 21.37
N LYS C 12 -8.75 -12.38 22.12
CA LYS C 12 -9.73 -13.35 22.69
C LYS C 12 -10.67 -12.69 23.71
N ALA C 13 -10.11 -11.78 24.52
CA ALA C 13 -10.89 -10.94 25.45
C ALA C 13 -11.98 -10.12 24.73
N LEU C 14 -11.61 -9.42 23.66
CA LEU C 14 -12.62 -8.71 22.87
C LEU C 14 -13.66 -9.62 22.28
N TRP C 15 -13.22 -10.76 21.78
CA TRP C 15 -14.10 -11.66 21.08
C TRP C 15 -15.16 -12.18 22.06
N GLY C 16 -14.79 -12.38 23.33
CA GLY C 16 -15.70 -12.75 24.39
C GLY C 16 -16.68 -11.64 24.73
N LYS C 17 -16.20 -10.40 24.76
CA LYS C 17 -17.02 -9.22 25.07
C LYS C 17 -18.12 -8.97 24.02
N ILE C 18 -17.84 -9.28 22.77
CA ILE C 18 -18.73 -8.85 21.70
C ILE C 18 -19.76 -9.92 21.34
N ALA C 19 -19.82 -10.98 22.15
CA ALA C 19 -20.68 -12.17 21.93
C ALA C 19 -22.12 -11.91 21.44
N ASP C 20 -22.91 -11.15 22.20
CA ASP C 20 -24.34 -10.96 21.88
C ASP C 20 -24.52 -10.04 20.66
N LYS C 21 -23.49 -9.27 20.34
CA LYS C 21 -23.54 -8.28 19.29
C LYS C 21 -22.83 -8.70 17.98
N ALA C 22 -22.18 -9.87 17.96
CA ALA C 22 -21.28 -10.23 16.83
C ALA C 22 -21.94 -10.29 15.45
N GLU C 23 -23.09 -10.96 15.34
CA GLU C 23 -23.75 -11.04 14.02
C GLU C 23 -24.17 -9.65 13.55
N GLU C 24 -24.60 -8.79 14.47
CA GLU C 24 -24.97 -7.43 14.13
C GLU C 24 -23.72 -6.59 13.80
N ILE C 25 -22.61 -6.85 14.50
CA ILE C 25 -21.35 -6.17 14.17
C ILE C 25 -20.97 -6.51 12.72
N GLY C 26 -21.13 -7.76 12.32
CA GLY C 26 -20.69 -8.18 10.99
C GLY C 26 -21.51 -7.56 9.87
N SER C 27 -22.81 -7.51 10.08
CA SER C 27 -23.76 -6.90 9.14
C SER C 27 -23.48 -5.39 8.98
N ASP C 28 -23.30 -4.70 10.10
CA ASP C 28 -23.05 -3.22 10.07
C ASP C 28 -21.70 -2.84 9.42
N ALA C 29 -20.68 -3.64 9.73
CA ALA C 29 -19.35 -3.54 9.12
C ALA C 29 -19.37 -3.75 7.61
N LEU C 30 -20.11 -4.73 7.16
CA LEU C 30 -20.34 -4.94 5.74
C LEU C 30 -21.12 -3.77 5.13
N SER C 31 -22.14 -3.26 5.80
CA SER C 31 -22.84 -2.06 5.38
C SER C 31 -21.88 -0.86 5.19
N ARG C 32 -20.98 -0.70 6.15
CA ARG C 32 -19.99 0.37 6.07
C ARG C 32 -19.09 0.18 4.88
N MET C 33 -18.67 -1.05 4.63
CA MET C 33 -17.74 -1.28 3.56
C MET C 33 -18.35 -0.80 2.25
N LEU C 34 -19.58 -1.25 2.00
CA LEU C 34 -20.25 -1.06 0.73
C LEU C 34 -20.54 0.41 0.45
N ALA C 35 -20.93 1.18 1.48
CA ALA C 35 -21.21 2.65 1.35
C ALA C 35 -19.96 3.53 1.38
N VAL C 36 -19.00 3.22 2.26
CA VAL C 36 -17.77 4.04 2.41
C VAL C 36 -16.81 3.79 1.25
N TYR C 37 -16.77 2.53 0.80
CA TYR C 37 -15.81 2.07 -0.18
C TYR C 37 -16.54 1.35 -1.30
N PRO C 38 -17.28 2.11 -2.14
CA PRO C 38 -18.13 1.55 -3.19
C PRO C 38 -17.41 0.66 -4.20
N GLN C 39 -16.07 0.73 -4.22
CA GLN C 39 -15.23 -0.18 -4.96
C GLN C 39 -15.65 -1.61 -4.70
N THR C 40 -16.07 -1.89 -3.46
CA THR C 40 -16.28 -3.25 -3.05
C THR C 40 -17.65 -3.78 -3.48
N LYS C 41 -18.52 -2.89 -3.95
CA LYS C 41 -19.88 -3.26 -4.36
C LYS C 41 -19.95 -4.27 -5.50
N THR C 42 -18.99 -4.21 -6.43
CA THR C 42 -18.91 -5.18 -7.51
C THR C 42 -18.84 -6.66 -7.10
N TYR C 43 -18.31 -6.96 -5.92
CA TYR C 43 -18.30 -8.36 -5.47
C TYR C 43 -19.67 -8.87 -5.01
N PHE C 44 -20.59 -7.95 -4.76
CA PHE C 44 -21.90 -8.31 -4.24
C PHE C 44 -23.02 -7.80 -5.13
N SER C 45 -22.71 -7.74 -6.42
CA SER C 45 -23.64 -7.31 -7.46
C SER C 45 -24.93 -8.13 -7.37
N HIS C 46 -24.75 -9.41 -7.08
CA HIS C 46 -25.82 -10.37 -6.87
C HIS C 46 -26.60 -10.13 -5.58
N TRP C 47 -26.63 -8.88 -5.09
CA TRP C 47 -27.53 -8.55 -3.99
C TRP C 47 -28.64 -7.63 -4.48
N LYS C 48 -29.38 -7.03 -3.55
CA LYS C 48 -30.62 -6.37 -3.92
C LYS C 48 -30.72 -4.97 -3.30
N ASP C 49 -30.16 -4.90 -2.08
CA ASP C 49 -30.33 -3.89 -1.05
C ASP C 49 -29.15 -4.08 -0.09
N LEU C 50 -28.19 -3.16 -0.18
CA LEU C 50 -26.90 -3.25 0.53
C LEU C 50 -26.93 -2.58 1.90
N SER C 51 -28.11 -2.15 2.34
CA SER C 51 -28.27 -1.54 3.66
C SER C 51 -27.98 -2.58 4.73
N PRO C 52 -27.56 -2.14 5.94
CA PRO C 52 -27.51 -3.16 7.00
C PRO C 52 -28.96 -3.54 7.34
N GLY C 53 -29.18 -4.65 8.02
CA GLY C 53 -30.56 -5.07 8.29
C GLY C 53 -31.25 -5.73 7.08
N SER C 54 -30.78 -5.42 5.87
CA SER C 54 -31.24 -6.13 4.68
C SER C 54 -30.89 -7.59 4.88
N ALA C 55 -31.74 -8.51 4.42
CA ALA C 55 -31.52 -9.94 4.69
C ALA C 55 -30.17 -10.54 4.18
N PRO C 56 -29.74 -10.18 2.96
CA PRO C 56 -28.48 -10.73 2.47
C PRO C 56 -27.26 -10.25 3.26
N VAL C 57 -27.24 -8.96 3.60
CA VAL C 57 -26.10 -8.35 4.32
C VAL C 57 -26.09 -8.88 5.73
N ASN C 58 -27.28 -9.01 6.32
CA ASN C 58 -27.41 -9.61 7.64
C ASN C 58 -26.82 -11.01 7.66
N LYS C 59 -27.21 -11.82 6.68
CA LYS C 59 -26.77 -13.21 6.70
C LYS C 59 -25.33 -13.38 6.33
N HIS C 60 -24.83 -12.51 5.46
CA HIS C 60 -23.41 -12.55 5.14
C HIS C 60 -22.49 -11.98 6.25
N GLY C 61 -22.97 -10.98 6.99
CA GLY C 61 -22.34 -10.53 8.23
C GLY C 61 -22.09 -11.64 9.25
N LYS C 62 -23.12 -12.44 9.52
CA LYS C 62 -22.96 -13.72 10.24
C LYS C 62 -21.82 -14.54 9.70
N THR C 63 -21.81 -14.77 8.39
CA THR C 63 -20.75 -15.56 7.79
C THR C 63 -19.33 -14.98 8.01
N ILE C 64 -19.14 -13.69 7.74
CA ILE C 64 -17.82 -13.05 8.02
C ILE C 64 -17.38 -13.25 9.45
N MET C 65 -18.27 -12.94 10.40
CA MET C 65 -17.93 -13.03 11.81
C MET C 65 -17.61 -14.47 12.14
N GLY C 66 -18.27 -15.42 11.47
CA GLY C 66 -17.90 -16.85 11.55
C GLY C 66 -16.50 -17.15 11.08
N GLY C 67 -16.11 -16.60 9.92
CA GLY C 67 -14.70 -16.80 9.50
C GLY C 67 -13.71 -16.21 10.48
N ILE C 68 -14.08 -15.09 11.12
CA ILE C 68 -13.21 -14.40 12.09
C ILE C 68 -13.11 -15.24 13.38
N VAL C 69 -14.21 -15.89 13.75
CA VAL C 69 -14.20 -16.77 14.93
C VAL C 69 -13.26 -17.94 14.66
N ASP C 70 -13.30 -18.47 13.43
CA ASP C 70 -12.34 -19.52 12.99
C ASP C 70 -10.93 -19.01 13.14
N ALA C 71 -10.74 -17.75 12.74
CA ALA C 71 -9.43 -17.14 12.81
C ALA C 71 -8.99 -17.08 14.28
N VAL C 72 -9.92 -16.73 15.18
CA VAL C 72 -9.59 -16.67 16.61
C VAL C 72 -9.17 -18.04 17.12
N ALA C 73 -9.89 -19.09 16.71
CA ALA C 73 -9.58 -20.47 17.11
C ALA C 73 -8.23 -20.90 16.57
N SER C 74 -7.88 -20.36 15.41
CA SER C 74 -6.60 -20.67 14.72
C SER C 74 -5.56 -19.58 14.88
N ILE C 75 -5.70 -18.75 15.90
CA ILE C 75 -4.84 -17.56 16.07
C ILE C 75 -3.35 -17.92 16.14
N ASP C 76 -3.04 -19.16 16.49
CA ASP C 76 -1.63 -19.57 16.59
C ASP C 76 -0.94 -19.76 15.23
N ASP C 77 -1.72 -20.12 14.20
CA ASP C 77 -1.20 -20.23 12.83
C ASP C 77 -2.33 -19.91 11.91
N LEU C 78 -2.51 -18.62 11.66
CA LEU C 78 -3.59 -18.20 10.75
C LEU C 78 -3.41 -18.72 9.32
N ASN C 79 -2.16 -18.65 8.83
CA ASN C 79 -1.86 -19.18 7.49
C ASN C 79 -2.48 -20.55 7.20
N ALA C 80 -2.24 -21.53 8.09
CA ALA C 80 -2.83 -22.88 7.96
C ALA C 80 -4.36 -22.92 8.21
N GLY C 81 -4.82 -22.10 9.15
CA GLY C 81 -6.21 -22.15 9.58
C GLY C 81 -7.17 -21.60 8.58
N LEU C 82 -6.68 -20.67 7.74
CA LEU C 82 -7.57 -19.94 6.79
C LEU C 82 -7.31 -20.32 5.34
N LEU C 83 -6.67 -21.46 5.14
CA LEU C 83 -6.23 -21.84 3.80
C LEU C 83 -7.41 -22.02 2.82
N ALA C 84 -8.48 -22.70 3.24
CA ALA C 84 -9.62 -22.84 2.37
C ALA C 84 -10.29 -21.52 2.10
N LEU C 85 -10.43 -20.67 3.12
CA LEU C 85 -10.99 -19.34 2.88
C LEU C 85 -10.09 -18.52 1.94
N SER C 86 -8.77 -18.62 2.11
CA SER C 86 -7.83 -18.02 1.15
C SER C 86 -8.10 -18.47 -0.29
N GLU C 87 -8.11 -19.80 -0.51
CA GLU C 87 -8.37 -20.36 -1.85
C GLU C 87 -9.68 -19.85 -2.44
N LEU C 88 -10.72 -19.79 -1.59
CA LEU C 88 -12.02 -19.28 -2.01
C LEU C 88 -11.97 -17.86 -2.48
N HIS C 89 -11.29 -17.04 -1.69
CA HIS C 89 -11.27 -15.60 -2.03
C HIS C 89 -10.31 -15.36 -3.19
N ALA C 90 -9.40 -16.29 -3.44
CA ALA C 90 -8.52 -16.16 -4.62
C ALA C 90 -9.15 -16.70 -5.89
N PHE C 91 -9.67 -17.93 -5.83
CA PHE C 91 -10.06 -18.54 -7.08
C PHE C 91 -11.56 -18.56 -7.37
N THR C 92 -12.41 -18.83 -6.39
CA THR C 92 -13.86 -18.88 -6.67
C THR C 92 -14.47 -17.49 -6.86
N LEU C 93 -14.10 -16.57 -5.98
CA LEU C 93 -14.69 -15.23 -5.93
C LEU C 93 -13.76 -14.23 -6.60
N ARG C 94 -12.49 -14.60 -6.68
CA ARG C 94 -11.39 -13.71 -7.07
C ARG C 94 -11.56 -12.27 -6.56
N VAL C 95 -11.08 -12.05 -5.33
CA VAL C 95 -11.19 -10.78 -4.60
C VAL C 95 -9.83 -10.12 -4.57
N ASP C 96 -9.77 -8.87 -5.01
CA ASP C 96 -8.57 -8.05 -4.86
C ASP C 96 -8.16 -7.91 -3.39
N PRO C 97 -7.01 -8.51 -3.02
CA PRO C 97 -6.46 -8.48 -1.66
C PRO C 97 -6.33 -7.09 -1.06
N ALA C 98 -6.23 -6.08 -1.92
CA ALA C 98 -6.33 -4.71 -1.46
C ALA C 98 -7.59 -4.45 -0.66
N ASN C 99 -8.64 -5.26 -0.86
CA ASN C 99 -9.91 -5.05 -0.18
C ASN C 99 -9.96 -5.62 1.27
N PHE C 100 -9.06 -6.56 1.59
CA PHE C 100 -9.09 -7.12 2.95
C PHE C 100 -8.86 -6.04 4.03
N LYS C 101 -7.94 -5.10 3.78
CA LYS C 101 -7.69 -4.03 4.73
C LYS C 101 -8.87 -3.11 4.88
N ILE C 102 -9.66 -2.96 3.79
CA ILE C 102 -10.85 -2.14 3.85
C ILE C 102 -11.87 -2.75 4.81
N LEU C 103 -12.14 -4.04 4.66
CA LEU C 103 -13.11 -4.69 5.55
C LEU C 103 -12.63 -4.72 6.99
N SER C 104 -11.37 -5.00 7.19
CA SER C 104 -10.81 -4.94 8.55
C SER C 104 -10.97 -3.55 9.22
N HIS C 105 -10.64 -2.49 8.49
CA HIS C 105 -10.88 -1.16 8.99
C HIS C 105 -12.33 -0.93 9.35
N CYS C 106 -13.28 -1.29 8.46
CA CYS C 106 -14.70 -1.09 8.77
C CYS C 106 -15.14 -1.90 10.00
N ILE C 107 -14.62 -3.12 10.18
CA ILE C 107 -14.87 -3.87 11.42
C ILE C 107 -14.37 -3.13 12.65
N LEU C 108 -13.14 -2.67 12.61
CA LEU C 108 -12.58 -1.87 13.75
C LEU C 108 -13.39 -0.59 14.00
N VAL C 109 -13.78 0.12 12.93
CA VAL C 109 -14.69 1.29 13.09
C VAL C 109 -16.03 0.92 13.72
N LEU C 110 -16.66 -0.13 13.19
CA LEU C 110 -17.94 -0.57 13.80
C LEU C 110 -17.70 -0.93 15.26
N LEU C 111 -16.68 -1.71 15.55
CA LEU C 111 -16.40 -2.05 16.98
C LEU C 111 -16.18 -0.85 17.88
N ALA C 112 -15.53 0.18 17.34
CA ALA C 112 -15.23 1.38 18.12
C ALA C 112 -16.51 2.12 18.50
N VAL C 113 -17.50 2.13 17.60
CA VAL C 113 -18.74 2.86 17.83
C VAL C 113 -19.55 2.17 18.92
N LYS C 114 -19.32 0.87 19.09
CA LYS C 114 -20.12 0.00 20.02
C LYS C 114 -19.39 -0.28 21.34
N PHE C 115 -18.09 -0.50 21.27
CA PHE C 115 -17.29 -0.85 22.44
C PHE C 115 -16.13 0.12 22.65
N PRO C 116 -16.41 1.45 22.67
CA PRO C 116 -15.28 2.40 22.63
C PRO C 116 -14.31 2.28 23.76
N LYS C 117 -14.75 1.76 24.90
CA LYS C 117 -13.90 1.61 26.08
C LYS C 117 -12.83 0.57 25.83
N ASP C 118 -13.03 -0.28 24.81
CA ASP C 118 -12.02 -1.32 24.55
C ASP C 118 -10.91 -0.78 23.68
N PHE C 119 -11.06 0.45 23.19
CA PHE C 119 -10.10 0.98 22.23
C PHE C 119 -9.05 1.83 22.92
N THR C 120 -8.32 1.22 23.85
CA THR C 120 -7.16 1.87 24.39
C THR C 120 -6.14 1.78 23.23
N PRO C 121 -5.10 2.62 23.25
CA PRO C 121 -4.09 2.47 22.17
C PRO C 121 -3.49 1.07 22.09
N GLU C 122 -3.16 0.47 23.23
CA GLU C 122 -2.50 -0.85 23.23
C GLU C 122 -3.43 -1.97 22.75
N VAL C 123 -4.70 -1.87 23.09
CA VAL C 123 -5.71 -2.79 22.55
C VAL C 123 -5.87 -2.65 21.04
N HIS C 124 -6.04 -1.42 20.57
CA HIS C 124 -6.15 -1.14 19.12
C HIS C 124 -4.96 -1.74 18.37
N ILE C 125 -3.73 -1.54 18.91
CA ILE C 125 -2.55 -2.16 18.32
C ILE C 125 -2.73 -3.68 18.18
N SER C 126 -3.17 -4.36 19.25
CA SER C 126 -3.40 -5.85 19.13
C SER C 126 -4.43 -6.20 18.09
N TYR C 127 -5.54 -5.45 18.06
CA TYR C 127 -6.60 -5.76 17.13
C TYR C 127 -6.09 -5.54 15.69
N ASP C 128 -5.34 -4.46 15.47
CA ASP C 128 -4.85 -4.13 14.13
C ASP C 128 -3.85 -5.17 13.65
N LYS C 129 -3.04 -5.68 14.58
CA LYS C 129 -2.07 -6.75 14.21
C LYS C 129 -2.86 -8.02 13.86
N PHE C 130 -3.90 -8.28 14.61
CA PHE C 130 -4.72 -9.48 14.36
C PHE C 130 -5.32 -9.38 12.98
N PHE C 131 -6.01 -8.27 12.70
CA PHE C 131 -6.70 -8.18 11.40
C PHE C 131 -5.66 -8.06 10.28
N SER C 132 -4.45 -7.53 10.53
CA SER C 132 -3.41 -7.55 9.45
C SER C 132 -2.98 -8.97 9.14
N ALA C 133 -2.81 -9.81 10.18
CA ALA C 133 -2.35 -11.19 9.98
C ALA C 133 -3.44 -12.01 9.31
N LEU C 134 -4.68 -11.73 9.70
CA LEU C 134 -5.86 -12.26 8.99
C LEU C 134 -5.79 -12.01 7.49
N ALA C 135 -5.53 -10.75 7.15
CA ALA C 135 -5.60 -10.32 5.80
C ALA C 135 -4.48 -11.03 5.07
N ARG C 136 -3.31 -11.10 5.71
CA ARG C 136 -2.16 -11.73 5.11
C ARG C 136 -2.41 -13.26 4.93
N ALA C 137 -3.06 -13.90 5.90
CA ALA C 137 -3.48 -15.32 5.74
C ALA C 137 -4.42 -15.54 4.56
N LEU C 138 -5.39 -14.65 4.39
CA LEU C 138 -6.34 -14.77 3.27
C LEU C 138 -5.63 -14.51 1.94
N ALA C 139 -4.57 -13.70 1.96
CA ALA C 139 -3.74 -13.44 0.78
C ALA C 139 -2.82 -14.62 0.38
N GLU C 140 -2.60 -15.60 1.27
CA GLU C 140 -1.62 -16.68 1.06
C GLU C 140 -1.72 -17.45 -0.24
N LYS C 141 -2.96 -17.73 -0.70
CA LYS C 141 -3.17 -18.56 -1.89
C LYS C 141 -3.30 -17.84 -3.21
N TYR C 142 -3.02 -16.54 -3.23
CA TYR C 142 -3.17 -15.76 -4.44
C TYR C 142 -2.13 -16.13 -5.50
N ARG C 143 -0.94 -16.51 -5.05
CA ARG C 143 0.12 -16.84 -6.02
C ARG C 143 1.25 -17.55 -5.29
N VAL D 1 -13.16 18.29 -6.20
CA VAL D 1 -14.24 17.49 -5.48
C VAL D 1 -15.57 18.21 -5.62
N VAL D 2 -16.67 17.48 -5.66
CA VAL D 2 -17.93 18.17 -5.45
C VAL D 2 -18.75 17.55 -4.36
N TRP D 3 -19.18 18.41 -3.46
CA TRP D 3 -19.76 18.00 -2.20
C TRP D 3 -21.26 18.01 -2.34
N THR D 4 -21.87 16.93 -1.92
CA THR D 4 -23.27 16.84 -1.57
C THR D 4 -23.62 17.78 -0.38
N ASP D 5 -24.86 18.29 -0.34
CA ASP D 5 -25.31 19.07 0.84
C ASP D 5 -25.20 18.27 2.12
N PHE D 6 -25.52 16.98 2.06
CA PHE D 6 -25.31 16.11 3.23
C PHE D 6 -23.83 16.04 3.61
N GLU D 7 -22.96 15.97 2.61
CA GLU D 7 -21.58 15.72 2.88
C GLU D 7 -21.06 16.94 3.60
N ARG D 8 -21.38 18.12 3.04
CA ARG D 8 -20.89 19.41 3.53
C ARG D 8 -21.34 19.61 4.98
N ALA D 9 -22.63 19.34 5.25
CA ALA D 9 -23.13 19.49 6.61
C ALA D 9 -22.56 18.55 7.66
N THR D 10 -22.42 17.26 7.33
CA THR D 10 -21.92 16.36 8.36
C THR D 10 -20.44 16.58 8.67
N ILE D 11 -19.67 17.02 7.67
CA ILE D 11 -18.25 17.38 7.98
C ILE D 11 -18.19 18.53 9.01
N ALA D 12 -18.97 19.59 8.75
CA ALA D 12 -19.04 20.74 9.65
C ALA D 12 -19.56 20.27 11.01
N ASP D 13 -20.57 19.41 11.01
CA ASP D 13 -21.12 18.84 12.25
C ASP D 13 -20.13 17.98 13.06
N ILE D 14 -19.34 17.15 12.37
CA ILE D 14 -18.38 16.33 13.11
C ILE D 14 -17.38 17.25 13.83
N PHE D 15 -16.79 18.18 13.09
CA PHE D 15 -15.71 18.99 13.69
C PHE D 15 -16.24 19.84 14.82
N SER D 16 -17.50 20.26 14.68
CA SER D 16 -18.13 21.04 15.75
C SER D 16 -18.26 20.29 17.09
N LYS D 17 -18.18 18.95 17.09
CA LYS D 17 -18.25 18.09 18.27
C LYS D 17 -16.86 17.65 18.82
N LEU D 18 -15.77 17.95 18.11
CA LEU D 18 -14.46 17.52 18.55
C LEU D 18 -13.76 18.60 19.33
N ASP D 19 -13.20 18.23 20.49
CA ASP D 19 -12.22 19.03 21.22
C ASP D 19 -10.93 18.79 20.43
N TYR D 20 -10.39 19.79 19.76
CA TYR D 20 -9.23 19.57 18.88
C TYR D 20 -8.00 19.10 19.63
N GLU D 21 -7.81 19.64 20.83
CA GLU D 21 -6.66 19.24 21.64
C GLU D 21 -6.78 17.80 22.09
N ALA D 22 -7.90 17.48 22.73
CA ALA D 22 -8.26 16.11 23.12
C ALA D 22 -8.12 15.09 21.98
N VAL D 23 -8.81 15.34 20.87
CA VAL D 23 -8.83 14.39 19.72
C VAL D 23 -7.47 14.39 19.02
N GLY D 24 -6.84 15.55 18.85
CA GLY D 24 -5.53 15.66 18.16
C GLY D 24 -4.49 14.84 18.90
N GLY D 25 -4.42 15.06 20.20
CA GLY D 25 -3.36 14.42 20.99
C GLY D 25 -3.59 12.93 20.94
N ALA D 26 -4.86 12.54 21.05
CA ALA D 26 -5.26 11.10 21.12
C ALA D 26 -4.99 10.42 19.79
N THR D 27 -5.31 11.11 18.70
CA THR D 27 -5.05 10.64 17.35
C THR D 27 -3.57 10.40 17.07
N LEU D 28 -2.74 11.41 17.37
CA LEU D 28 -1.35 11.25 16.99
C LEU D 28 -0.71 10.20 17.91
N ALA D 29 -1.10 10.16 19.18
CA ALA D 29 -0.51 9.17 20.06
C ALA D 29 -0.93 7.79 19.60
N ARG D 30 -2.19 7.65 19.15
CA ARG D 30 -2.65 6.33 18.62
C ARG D 30 -1.80 5.94 17.43
N CYS D 31 -1.61 6.85 16.49
CA CYS D 31 -0.78 6.53 15.31
C CYS D 31 0.64 6.08 15.74
N LEU D 32 1.23 6.79 16.69
CA LEU D 32 2.64 6.51 17.09
C LEU D 32 2.79 5.17 17.83
N ILE D 33 1.69 4.70 18.40
CA ILE D 33 1.65 3.42 19.17
C ILE D 33 1.23 2.21 18.28
N VAL D 34 0.20 2.40 17.48
CA VAL D 34 -0.23 1.34 16.57
C VAL D 34 0.72 1.15 15.40
N TYR D 35 1.34 2.24 14.88
CA TYR D 35 2.24 2.24 13.72
C TYR D 35 3.58 2.89 14.12
N PRO D 36 4.37 2.18 14.96
CA PRO D 36 5.56 2.78 15.61
C PRO D 36 6.58 3.39 14.66
N TRP D 37 6.66 2.91 13.42
CA TRP D 37 7.58 3.47 12.41
C TRP D 37 7.36 4.94 12.11
N THR D 38 6.16 5.44 12.42
CA THR D 38 5.82 6.81 12.11
C THR D 38 6.53 7.71 13.08
N GLN D 39 6.99 7.14 14.21
CA GLN D 39 7.69 7.93 15.21
C GLN D 39 8.91 8.60 14.60
N ARG D 40 9.44 8.00 13.55
CA ARG D 40 10.72 8.45 12.98
C ARG D 40 10.65 9.87 12.40
N TYR D 41 9.46 10.23 11.93
CA TYR D 41 9.25 11.56 11.35
C TYR D 41 9.29 12.67 12.45
N PHE D 42 9.05 12.29 13.71
CA PHE D 42 8.99 13.21 14.85
C PHE D 42 10.18 12.98 15.78
N GLY D 43 11.38 12.84 15.23
CA GLY D 43 12.57 12.49 16.02
C GLY D 43 12.86 13.37 17.25
N ASN D 44 12.44 14.63 17.15
CA ASN D 44 12.66 15.60 18.22
C ASN D 44 11.40 15.96 19.04
N PHE D 45 10.80 14.93 19.66
CA PHE D 45 9.61 15.07 20.53
C PHE D 45 9.88 14.66 21.99
N GLY D 46 10.52 13.50 22.18
CA GLY D 46 10.83 12.98 23.52
C GLY D 46 11.09 11.49 23.56
N ASN D 47 10.24 10.78 24.30
CA ASN D 47 10.40 9.34 24.55
C ASN D 47 9.91 8.44 23.41
N LEU D 48 10.87 7.71 22.83
CA LEU D 48 10.57 6.65 21.88
C LEU D 48 10.26 5.35 22.65
N TYR D 49 9.96 5.52 23.94
CA TYR D 49 9.77 4.43 24.91
C TYR D 49 8.33 3.88 24.91
N ASN D 50 7.86 3.49 26.10
CA ASN D 50 6.52 2.91 26.33
C ASN D 50 5.39 3.73 25.69
N ALA D 51 4.24 3.08 25.55
CA ALA D 51 2.99 3.75 25.20
C ALA D 51 2.65 4.84 26.22
N ALA D 52 3.07 4.63 27.47
CA ALA D 52 2.88 5.61 28.56
C ALA D 52 3.66 6.91 28.33
N ALA D 53 4.85 6.78 27.75
CA ALA D 53 5.72 7.91 27.44
C ALA D 53 5.12 8.75 26.32
N ILE D 54 4.51 8.06 25.35
CA ILE D 54 3.86 8.67 24.18
C ILE D 54 2.59 9.36 24.67
N MET D 55 1.82 8.65 25.50
CA MET D 55 0.59 9.16 26.10
C MET D 55 0.72 10.42 26.97
N GLY D 56 1.82 10.59 27.68
CA GLY D 56 2.01 11.79 28.49
C GLY D 56 2.87 12.84 27.80
N ASN D 57 3.24 12.59 26.55
CA ASN D 57 4.13 13.48 25.84
C ASN D 57 3.42 14.80 25.50
N PRO D 58 3.95 15.91 26.04
CA PRO D 58 3.30 17.16 25.80
C PRO D 58 3.57 17.68 24.38
N MET D 59 4.73 17.37 23.80
CA MET D 59 5.07 17.78 22.43
C MET D 59 4.16 17.05 21.41
N ILE D 60 3.88 15.78 21.72
CA ILE D 60 2.95 14.99 20.92
C ILE D 60 1.54 15.56 21.00
N ALA D 61 1.10 15.94 22.19
CA ALA D 61 -0.23 16.54 22.34
C ALA D 61 -0.32 17.84 21.54
N LYS D 62 0.68 18.70 21.71
CA LYS D 62 0.86 19.93 20.95
C LYS D 62 0.71 19.70 19.43
N HIS D 63 1.44 18.71 18.91
CA HIS D 63 1.46 18.55 17.49
C HIS D 63 0.17 17.93 16.97
N GLY D 64 -0.37 16.98 17.73
CA GLY D 64 -1.70 16.44 17.48
C GLY D 64 -2.74 17.53 17.34
N THR D 65 -2.68 18.54 18.22
CA THR D 65 -3.61 19.66 18.17
C THR D 65 -3.42 20.51 16.88
N THR D 66 -2.15 20.73 16.51
CA THR D 66 -1.80 21.43 15.29
C THR D 66 -2.40 20.71 14.07
N ILE D 67 -2.26 19.37 14.00
CA ILE D 67 -2.90 18.63 12.92
C ILE D 67 -4.42 18.94 12.87
N LEU D 68 -5.13 18.86 14.01
CA LEU D 68 -6.58 19.15 14.00
C LEU D 68 -6.98 20.51 13.54
N HIS D 69 -6.23 21.52 13.96
CA HIS D 69 -6.49 22.87 13.44
C HIS D 69 -6.16 22.95 11.95
N GLY D 70 -5.19 22.19 11.47
CA GLY D 70 -4.93 22.13 10.02
C GLY D 70 -6.10 21.52 9.24
N LEU D 71 -6.71 20.48 9.79
CA LEU D 71 -7.95 19.91 9.26
C LEU D 71 -9.12 20.89 9.24
N ASP D 72 -9.25 21.63 10.35
CA ASP D 72 -10.26 22.71 10.43
C ASP D 72 -10.09 23.73 9.29
N ARG D 73 -8.84 24.07 8.96
CA ARG D 73 -8.60 24.92 7.80
C ARG D 73 -9.31 24.40 6.51
N ALA D 74 -9.22 23.09 6.25
CA ALA D 74 -9.93 22.49 5.08
C ALA D 74 -11.48 22.56 5.24
N VAL D 75 -11.95 22.35 6.45
CA VAL D 75 -13.38 22.45 6.78
C VAL D 75 -13.88 23.90 6.52
N LYS D 76 -13.00 24.87 6.69
CA LYS D 76 -13.38 26.25 6.40
C LYS D 76 -13.19 26.65 4.93
N ASN D 77 -12.67 25.74 4.13
CA ASN D 77 -12.35 26.02 2.73
C ASN D 77 -12.68 24.82 1.86
N MET D 78 -13.88 24.27 2.08
CA MET D 78 -14.27 22.95 1.52
C MET D 78 -14.14 22.85 0.00
N ASP D 79 -14.33 23.99 -0.69
CA ASP D 79 -14.24 23.99 -2.18
C ASP D 79 -12.90 24.47 -2.70
N ASN D 80 -11.90 24.51 -1.83
CA ASN D 80 -10.61 25.09 -2.19
C ASN D 80 -9.51 24.45 -1.41
N ILE D 81 -9.61 23.13 -1.18
CA ILE D 81 -8.67 22.40 -0.31
C ILE D 81 -7.27 22.28 -0.91
N LYS D 82 -7.18 21.96 -2.20
CA LYS D 82 -5.86 21.80 -2.81
C LYS D 82 -5.03 23.07 -2.59
N ALA D 83 -5.56 24.22 -3.00
CA ALA D 83 -4.77 25.45 -2.91
C ALA D 83 -4.44 25.80 -1.42
N THR D 84 -5.43 25.55 -0.55
CA THR D 84 -5.36 25.81 0.89
C THR D 84 -4.22 25.01 1.53
N TYR D 85 -3.98 23.82 1.01
CA TYR D 85 -2.89 22.97 1.47
C TYR D 85 -1.64 23.04 0.62
N ALA D 86 -1.57 23.98 -0.37
CA ALA D 86 -0.39 24.06 -1.21
C ALA D 86 0.95 24.05 -0.47
N GLU D 87 1.13 24.92 0.53
CA GLU D 87 2.40 24.98 1.32
C GLU D 87 2.58 23.79 2.25
N LEU D 88 1.48 23.32 2.88
CA LEU D 88 1.54 22.08 3.64
C LEU D 88 1.96 20.87 2.77
N SER D 89 1.53 20.84 1.51
CA SER D 89 1.97 19.78 0.60
C SER D 89 3.49 19.84 0.35
N VAL D 90 3.99 21.04 0.13
CA VAL D 90 5.43 21.22 -0.09
C VAL D 90 6.21 20.73 1.14
N LEU D 91 5.71 21.10 2.32
CA LEU D 91 6.36 20.76 3.58
C LEU D 91 6.39 19.25 3.72
N HIS D 92 5.24 18.62 3.54
CA HIS D 92 5.13 17.22 3.91
C HIS D 92 5.76 16.30 2.88
N SER D 93 5.66 16.62 1.60
CA SER D 93 6.44 15.86 0.57
C SER D 93 7.87 16.34 0.42
N GLU D 94 8.02 17.52 -0.20
CA GLU D 94 9.34 17.99 -0.60
C GLU D 94 10.35 18.08 0.53
N LYS D 95 9.90 18.46 1.71
CA LYS D 95 10.80 18.73 2.81
C LYS D 95 10.95 17.57 3.80
N LEU D 96 9.82 17.01 4.22
CA LEU D 96 9.83 15.98 5.26
C LEU D 96 9.92 14.59 4.67
N HIS D 97 9.48 14.47 3.42
CA HIS D 97 9.37 13.20 2.69
C HIS D 97 8.58 12.15 3.45
N VAL D 98 7.39 12.53 3.85
CA VAL D 98 6.46 11.62 4.55
C VAL D 98 5.98 10.67 3.49
N ASP D 99 6.35 9.38 3.56
CA ASP D 99 5.69 8.34 2.71
C ASP D 99 4.19 8.55 2.85
N PRO D 100 3.49 8.70 1.72
CA PRO D 100 2.02 8.99 1.78
C PRO D 100 1.11 7.91 2.41
N ASP D 101 1.60 6.68 2.58
CA ASP D 101 0.86 5.59 3.28
C ASP D 101 0.66 6.13 4.67
N ASN D 102 1.58 7.00 5.13
CA ASN D 102 1.47 7.48 6.50
C ASN D 102 0.32 8.41 6.68
N PHE D 103 0.00 9.15 5.64
CA PHE D 103 -1.22 10.01 5.73
C PHE D 103 -2.44 9.14 5.96
N LYS D 104 -2.46 7.97 5.30
CA LYS D 104 -3.62 7.11 5.45
C LYS D 104 -3.66 6.46 6.80
N LEU D 105 -2.51 6.04 7.31
CA LEU D 105 -2.41 5.44 8.63
C LEU D 105 -2.92 6.44 9.65
N LEU D 106 -2.44 7.69 9.58
CA LEU D 106 -2.95 8.69 10.53
C LEU D 106 -4.43 8.97 10.41
N SER D 107 -4.92 9.16 9.16
CA SER D 107 -6.35 9.29 8.87
C SER D 107 -7.23 8.16 9.43
N ASP D 108 -6.75 6.93 9.35
CA ASP D 108 -7.44 5.77 9.86
C ASP D 108 -7.53 5.80 11.38
N CYS D 109 -6.45 6.26 12.02
CA CYS D 109 -6.46 6.44 13.49
C CYS D 109 -7.40 7.56 13.87
N LEU D 110 -7.40 8.67 13.12
CA LEU D 110 -8.39 9.72 13.42
C LEU D 110 -9.79 9.14 13.34
N THR D 111 -10.08 8.42 12.26
CA THR D 111 -11.42 7.85 12.03
C THR D 111 -11.84 7.00 13.24
N ILE D 112 -10.90 6.18 13.71
CA ILE D 112 -11.21 5.31 14.84
C ILE D 112 -11.41 6.09 16.15
N VAL D 113 -10.59 7.12 16.43
CA VAL D 113 -10.87 8.04 17.57
C VAL D 113 -12.22 8.76 17.47
N VAL D 114 -12.56 9.22 16.28
CA VAL D 114 -13.88 9.91 16.07
C VAL D 114 -15.08 8.96 16.28
N ALA D 115 -14.98 7.77 15.68
CA ALA D 115 -15.94 6.65 15.84
C ALA D 115 -16.22 6.37 17.28
N ALA D 116 -15.17 6.17 18.06
CA ALA D 116 -15.27 5.92 19.49
C ALA D 116 -15.97 7.02 20.26
N GLN D 117 -15.70 8.26 19.92
CA GLN D 117 -16.32 9.41 20.57
C GLN D 117 -17.78 9.57 20.17
N LEU D 118 -18.04 9.50 18.88
CA LEU D 118 -19.37 9.80 18.35
C LEU D 118 -20.37 8.64 18.46
N GLY D 119 -19.88 7.41 18.40
CA GLY D 119 -20.72 6.26 18.77
C GLY D 119 -21.69 5.97 17.64
N LYS D 120 -22.93 5.66 17.97
CA LYS D 120 -23.91 5.24 16.96
C LYS D 120 -24.26 6.37 15.98
N ALA D 121 -23.96 7.61 16.37
CA ALA D 121 -24.09 8.77 15.51
C ALA D 121 -23.16 8.67 14.29
N PHE D 122 -22.08 7.90 14.44
CA PHE D 122 -21.05 7.73 13.37
C PHE D 122 -21.48 6.55 12.48
N SER D 123 -22.53 6.78 11.70
CA SER D 123 -23.13 5.76 10.93
C SER D 123 -22.27 5.53 9.68
N GLY D 124 -22.58 4.47 8.92
CA GLY D 124 -21.99 4.26 7.61
C GLY D 124 -22.03 5.49 6.70
N GLU D 125 -23.17 6.19 6.67
CA GLU D 125 -23.28 7.34 5.80
C GLU D 125 -22.39 8.50 6.30
N VAL D 126 -22.30 8.65 7.60
CA VAL D 126 -21.46 9.71 8.20
C VAL D 126 -19.98 9.36 7.98
N GLN D 127 -19.67 8.07 8.08
CA GLN D 127 -18.32 7.63 7.87
C GLN D 127 -17.94 7.83 6.41
N ALA D 128 -18.90 7.67 5.49
CA ALA D 128 -18.63 7.89 4.09
C ALA D 128 -18.21 9.32 3.80
N ALA D 129 -18.90 10.29 4.37
CA ALA D 129 -18.61 11.68 4.10
C ALA D 129 -17.27 12.01 4.80
N PHE D 130 -17.06 11.51 6.02
CA PHE D 130 -15.76 11.77 6.71
C PHE D 130 -14.57 11.24 5.91
N GLN D 131 -14.71 10.02 5.42
CA GLN D 131 -13.71 9.40 4.60
C GLN D 131 -13.46 10.09 3.32
N LYS D 132 -14.49 10.63 2.65
CA LYS D 132 -14.29 11.36 1.40
C LYS D 132 -13.47 12.61 1.74
N PHE D 133 -13.81 13.26 2.85
CA PHE D 133 -13.11 14.50 3.30
C PHE D 133 -11.63 14.15 3.54
N LEU D 134 -11.38 13.09 4.31
CA LEU D 134 -9.94 12.69 4.55
C LEU D 134 -9.23 12.36 3.24
N SER D 135 -9.94 11.76 2.24
CA SER D 135 -9.31 11.43 0.91
C SER D 135 -8.88 12.68 0.18
N VAL D 136 -9.76 13.68 0.20
CA VAL D 136 -9.54 15.00 -0.40
C VAL D 136 -8.33 15.68 0.27
N VAL D 137 -8.36 15.64 1.60
CA VAL D 137 -7.20 16.13 2.44
C VAL D 137 -5.87 15.50 2.10
N VAL D 138 -5.80 14.18 2.15
CA VAL D 138 -4.58 13.42 2.01
C VAL D 138 -4.09 13.60 0.57
N SER D 139 -5.03 13.74 -0.40
CA SER D 139 -4.70 13.98 -1.84
C SER D 139 -4.05 15.38 -2.00
N ALA D 140 -4.62 16.39 -1.36
CA ALA D 140 -4.05 17.73 -1.34
C ALA D 140 -2.74 17.87 -0.53
N LEU D 141 -2.46 16.95 0.40
CA LEU D 141 -1.20 16.94 1.19
C LEU D 141 -0.07 16.25 0.44
N GLY D 142 -0.41 15.33 -0.46
CA GLY D 142 0.56 14.48 -1.11
C GLY D 142 1.30 15.26 -2.18
N LYS D 143 2.27 14.62 -2.82
CA LYS D 143 3.02 15.27 -3.88
C LYS D 143 2.07 15.77 -4.94
N GLN D 144 2.25 17.01 -5.33
CA GLN D 144 1.40 17.62 -6.35
C GLN D 144 2.10 17.54 -7.71
N TYR D 145 1.49 16.77 -8.59
CA TYR D 145 2.03 16.57 -9.91
C TYR D 145 1.30 17.46 -10.89
N HIS D 146 0.15 17.98 -10.45
CA HIS D 146 -0.82 18.55 -11.38
C HIS D 146 -1.34 19.94 -10.99
#